data_5L6Y
#
_entry.id   5L6Y
#
_cell.length_a   50.998
_cell.length_b   53.195
_cell.length_c   62.050
_cell.angle_alpha   107.91
_cell.angle_beta   101.42
_cell.angle_gamma   96.94
#
_symmetry.space_group_name_H-M   'P 1'
#
loop_
_entity.id
_entity.type
_entity.pdbx_description
1 polymer Interleukin-13
2 polymer 'tralokinumab FAb digest VH'
3 polymer 'tralokiumab FAb digest VL'
4 non-polymer 'FORMIC ACID'
5 water water
#
loop_
_entity_poly.entity_id
_entity_poly.type
_entity_poly.pdbx_seq_one_letter_code
_entity_poly.pdbx_strand_id
1 'polypeptide(L)'
;GPVPPSTALRELIEELVNITQNQKAPLCNGSMVWSINLTAGMYCAALESLINVSGCSAIEKTQRMLSGFCPHKVSAGQFS
SLHVRDTKIEVAQFVKDLLLHLKKLFREGRFN
;
C
2 'polypeptide(L)'
;QVQLVQSGAEVKKPGASVKVSCKASGYTFTNYGLSWVRQAPGQGLEWMGWISANNGDTNYGQEFQGRVTMTTDTSTSTAY
MELRSLRSDDTAVYYCARDSSSSWARWFFDLWGRGTLVTVSSASTKGPSVFPLAPISKSTSGGTAALGCLVKDYFPEPVT
VSWNSGALTSGVHTFPAVLQSSGLYSLSSVVTVGPSSSLGTQTYICNVNHKPSNTKVDKRVESKYGPPSPSSPAPAKN
;
H
3 'polypeptide(L)'
;SYVLTQPPSVSVAPGKTARITCGGNIIGSKLVHWYQQKPGQAPVLVIYDDGDRPSGIPERFSGSNSGNTATLTISRVEAG
DEADYYCQVWDTGSDPVVFGGGTKLTVLGQPKAAPSVTLFPPSSEELQANKATLVCLISDFYPGAVTVAWKADSSPVKAG
VETTTPSKQSNNKYAASSYLSLTPEQWKSHRSYSCQVTHEGSTVEKTVAPTECS
;
L
#
# COMPACT_ATOMS: atom_id res chain seq x y z
N PRO A 4 -5.67 -36.16 -11.15
CA PRO A 4 -6.02 -34.91 -11.84
C PRO A 4 -5.34 -34.81 -13.21
N PRO A 5 -6.10 -34.40 -14.27
CA PRO A 5 -5.56 -34.47 -15.64
C PRO A 5 -4.51 -33.38 -15.98
N SER A 6 -4.32 -32.42 -15.07
CA SER A 6 -3.34 -31.36 -15.25
C SER A 6 -1.97 -31.73 -14.64
N THR A 7 -1.88 -32.93 -14.04
CA THR A 7 -0.67 -33.40 -13.34
C THR A 7 0.55 -33.51 -14.27
N ALA A 8 0.38 -34.13 -15.43
CA ALA A 8 1.49 -34.34 -16.38
C ALA A 8 2.14 -33.01 -16.81
N LEU A 9 1.31 -32.03 -17.21
CA LEU A 9 1.81 -30.71 -17.60
C LEU A 9 2.41 -29.93 -16.43
N ARG A 10 1.71 -29.95 -15.28
CA ARG A 10 2.22 -29.38 -14.03
C ARG A 10 3.65 -29.90 -13.72
N GLU A 11 3.84 -31.22 -13.79
CA GLU A 11 5.14 -31.84 -13.49
C GLU A 11 6.20 -31.49 -14.52
N LEU A 12 5.80 -31.42 -15.79
CA LEU A 12 6.68 -30.98 -16.87
C LEU A 12 7.17 -29.56 -16.62
N ILE A 13 6.23 -28.63 -16.42
CA ILE A 13 6.54 -27.23 -16.06
C ILE A 13 7.50 -27.19 -14.87
N GLU A 14 7.20 -27.96 -13.83
CA GLU A 14 8.03 -28.00 -12.62
C GLU A 14 9.45 -28.52 -12.85
N GLU A 15 9.61 -29.45 -13.80
CA GLU A 15 10.93 -29.97 -14.18
C GLU A 15 11.74 -28.95 -14.94
N LEU A 16 11.08 -28.25 -15.86
CA LEU A 16 11.69 -27.16 -16.63
C LEU A 16 12.26 -26.07 -15.74
N VAL A 17 11.54 -25.76 -14.65
CA VAL A 17 11.98 -24.81 -13.63
C VAL A 17 13.21 -25.35 -12.87
N ASN A 18 13.09 -26.58 -12.35
CA ASN A 18 14.17 -27.25 -11.63
C ASN A 18 15.51 -27.19 -12.39
N ILE A 19 15.49 -27.53 -13.67
CA ILE A 19 16.73 -27.59 -14.45
C ILE A 19 17.25 -26.23 -14.95
N THR A 20 16.45 -25.16 -14.83
CA THR A 20 16.88 -23.80 -15.23
C THR A 20 17.08 -22.84 -14.06
N GLN A 21 17.19 -23.36 -12.83
CA GLN A 21 17.58 -22.54 -11.68
C GLN A 21 18.94 -21.90 -11.94
N ASN A 22 19.09 -20.64 -11.52
CA ASN A 22 20.33 -19.88 -11.74
C ASN A 22 21.55 -20.62 -11.19
N GLN A 23 21.38 -21.25 -10.03
CA GLN A 23 22.42 -22.04 -9.33
C GLN A 23 23.02 -23.16 -10.17
N LYS A 24 22.18 -23.83 -10.96
CA LYS A 24 22.60 -24.92 -11.85
C LYS A 24 23.45 -24.38 -13.00
N ALA A 25 24.35 -25.23 -13.50
CA ALA A 25 25.23 -24.90 -14.62
C ALA A 25 24.43 -24.72 -15.92
N PRO A 26 24.88 -23.80 -16.82
CA PRO A 26 24.28 -23.62 -18.15
C PRO A 26 23.98 -24.95 -18.85
N LEU A 27 22.70 -25.17 -19.10
CA LEU A 27 22.16 -26.39 -19.70
C LEU A 27 22.91 -26.97 -20.89
N CYS A 28 23.18 -28.27 -20.82
CA CYS A 28 23.87 -28.99 -21.87
C CYS A 28 25.16 -28.33 -22.33
N ASN A 29 25.84 -27.67 -21.39
CA ASN A 29 27.11 -26.98 -21.66
C ASN A 29 27.01 -25.92 -22.78
N GLY A 30 25.79 -25.46 -23.07
CA GLY A 30 25.55 -24.51 -24.15
C GLY A 30 25.41 -25.15 -25.52
N SER A 31 25.11 -26.44 -25.55
CA SER A 31 24.71 -27.10 -26.79
C SER A 31 23.50 -26.40 -27.40
N MET A 32 23.39 -26.49 -28.72
CA MET A 32 22.38 -25.76 -29.44
C MET A 32 21.44 -26.70 -30.15
N VAL A 33 20.18 -26.27 -30.25
CA VAL A 33 19.11 -27.09 -30.84
C VAL A 33 18.28 -26.24 -31.79
N TRP A 34 17.56 -26.93 -32.67
CA TRP A 34 16.57 -26.26 -33.53
C TRP A 34 15.51 -25.57 -32.67
N SER A 35 15.30 -24.28 -32.92
CA SER A 35 14.19 -23.55 -32.32
C SER A 35 12.89 -24.02 -32.99
N ILE A 36 11.80 -23.97 -32.24
CA ILE A 36 10.51 -24.41 -32.77
C ILE A 36 9.46 -23.34 -32.62
N ASN A 37 8.35 -23.53 -33.31
CA ASN A 37 7.24 -22.61 -33.24
C ASN A 37 6.36 -23.08 -32.10
N LEU A 38 6.23 -22.26 -31.07
CA LEU A 38 5.42 -22.60 -29.92
C LEU A 38 4.00 -22.10 -30.18
N THR A 39 3.12 -23.00 -30.57
CA THR A 39 1.75 -22.62 -30.91
C THR A 39 0.67 -23.60 -30.46
N ALA A 40 0.97 -24.43 -29.47
CA ALA A 40 0.07 -25.47 -28.96
C ALA A 40 0.27 -26.72 -29.80
N GLY A 41 0.19 -27.88 -29.17
CA GLY A 41 0.44 -29.18 -29.81
C GLY A 41 1.82 -29.29 -30.42
N MET A 42 2.83 -28.79 -29.70
CA MET A 42 4.21 -28.69 -30.17
C MET A 42 5.15 -29.66 -29.43
N TYR A 43 4.54 -30.53 -28.62
CA TYR A 43 5.24 -31.51 -27.79
C TYR A 43 6.13 -32.49 -28.57
N CYS A 44 5.65 -32.93 -29.74
CA CYS A 44 6.39 -33.77 -30.67
C CYS A 44 7.66 -33.08 -31.14
N ALA A 45 7.50 -31.87 -31.71
CA ALA A 45 8.61 -31.06 -32.19
C ALA A 45 9.64 -30.75 -31.09
N ALA A 46 9.18 -30.44 -29.88
CA ALA A 46 10.04 -30.19 -28.73
C ALA A 46 10.90 -31.42 -28.37
N LEU A 47 10.29 -32.61 -28.43
CA LEU A 47 10.98 -33.87 -28.19
C LEU A 47 12.03 -34.13 -29.27
N GLU A 48 11.67 -33.87 -30.52
CA GLU A 48 12.59 -34.01 -31.65
C GLU A 48 13.80 -33.08 -31.62
N SER A 49 13.68 -31.92 -30.99
CA SER A 49 14.82 -31.01 -30.79
C SER A 49 15.75 -31.55 -29.71
N LEU A 50 15.14 -31.96 -28.59
CA LEU A 50 15.85 -32.39 -27.40
C LEU A 50 16.52 -33.75 -27.50
N ILE A 51 15.89 -34.69 -28.20
CA ILE A 51 16.41 -36.05 -28.37
C ILE A 51 17.74 -36.07 -29.16
N ASN A 52 17.98 -35.00 -29.93
CA ASN A 52 19.24 -34.77 -30.64
C ASN A 52 20.42 -34.30 -29.76
N VAL A 53 20.13 -33.95 -28.52
CA VAL A 53 21.19 -33.56 -27.60
C VAL A 53 21.60 -34.85 -26.91
N SER A 54 22.76 -35.38 -27.30
CA SER A 54 23.26 -36.62 -26.74
C SER A 54 23.97 -36.45 -25.41
N GLY A 55 23.67 -37.34 -24.49
CA GLY A 55 24.26 -37.29 -23.17
C GLY A 55 23.56 -36.34 -22.23
N CYS A 56 24.21 -35.23 -21.92
CA CYS A 56 23.68 -34.22 -21.01
C CYS A 56 23.17 -34.81 -19.70
N SER A 57 22.06 -35.54 -19.77
CA SER A 57 21.45 -36.16 -18.60
C SER A 57 20.56 -35.19 -17.83
N ALA A 58 20.87 -33.91 -17.90
CA ALA A 58 20.06 -32.91 -17.22
C ALA A 58 18.69 -32.81 -17.86
N ILE A 59 18.64 -33.04 -19.17
CA ILE A 59 17.38 -32.97 -19.91
C ILE A 59 16.73 -34.33 -20.10
N GLU A 60 17.32 -35.37 -19.51
CA GLU A 60 16.79 -36.72 -19.66
C GLU A 60 15.33 -36.86 -19.16
N LYS A 61 15.04 -36.32 -17.99
CA LYS A 61 13.69 -36.38 -17.42
C LYS A 61 12.67 -35.61 -18.28
N THR A 62 13.06 -34.43 -18.74
CA THR A 62 12.28 -33.62 -19.70
C THR A 62 11.96 -34.42 -20.96
N GLN A 63 12.97 -35.13 -21.48
CA GLN A 63 12.78 -36.03 -22.64
C GLN A 63 11.71 -37.11 -22.37
N ARG A 64 11.77 -37.81 -21.24
CA ARG A 64 10.71 -38.78 -20.88
C ARG A 64 9.33 -38.11 -20.77
N MET A 65 9.28 -36.97 -20.06
CA MET A 65 8.05 -36.20 -19.89
C MET A 65 7.42 -35.80 -21.22
N LEU A 66 8.24 -35.37 -22.18
CA LEU A 66 7.74 -35.01 -23.50
C LEU A 66 7.20 -36.21 -24.28
N SER A 67 7.80 -37.39 -24.08
CA SER A 67 7.36 -38.66 -24.70
C SER A 67 5.93 -39.04 -24.34
N GLY A 68 5.56 -38.82 -23.08
CA GLY A 68 4.19 -39.01 -22.59
C GLY A 68 3.16 -38.15 -23.33
N PHE A 69 3.62 -37.03 -23.88
CA PHE A 69 2.77 -36.11 -24.65
C PHE A 69 2.69 -36.41 -26.14
N CYS A 70 3.76 -37.00 -26.69
CA CYS A 70 3.91 -37.16 -28.14
C CYS A 70 3.00 -38.23 -28.76
N ASP A 86 15.37 -24.51 -39.36
CA ASP A 86 16.22 -23.64 -40.17
C ASP A 86 17.17 -22.75 -39.36
N THR A 87 16.95 -22.67 -38.04
CA THR A 87 17.85 -21.94 -37.12
C THR A 87 17.97 -22.57 -35.70
N LYS A 88 19.11 -22.34 -35.06
CA LYS A 88 19.44 -22.98 -33.78
C LYS A 88 19.63 -21.98 -32.64
N ILE A 89 19.25 -22.41 -31.44
CA ILE A 89 19.42 -21.59 -30.22
C ILE A 89 19.99 -22.48 -29.11
N GLU A 90 20.55 -21.87 -28.08
CA GLU A 90 21.04 -22.58 -26.90
C GLU A 90 19.92 -23.36 -26.20
N VAL A 91 20.23 -24.53 -25.64
CA VAL A 91 19.24 -25.34 -24.92
C VAL A 91 18.62 -24.55 -23.76
N ALA A 92 19.44 -23.73 -23.10
CA ALA A 92 18.98 -22.83 -22.03
C ALA A 92 17.82 -21.93 -22.48
N GLN A 93 17.99 -21.23 -23.60
CA GLN A 93 16.96 -20.35 -24.15
C GLN A 93 15.72 -21.13 -24.62
N PHE A 94 15.96 -22.25 -25.31
CA PHE A 94 14.90 -23.18 -25.73
C PHE A 94 14.00 -23.58 -24.55
N VAL A 95 14.59 -24.00 -23.44
CA VAL A 95 13.81 -24.50 -22.30
C VAL A 95 13.05 -23.36 -21.60
N LYS A 96 13.68 -22.20 -21.49
CA LYS A 96 13.05 -21.01 -20.92
C LYS A 96 11.85 -20.51 -21.75
N ASP A 97 12.00 -20.46 -23.08
CA ASP A 97 10.89 -20.08 -23.97
C ASP A 97 9.74 -21.10 -23.91
N LEU A 98 10.10 -22.39 -23.89
CA LEU A 98 9.13 -23.48 -23.75
C LEU A 98 8.42 -23.43 -22.40
N LEU A 99 9.17 -23.19 -21.32
CA LEU A 99 8.59 -23.03 -19.98
C LEU A 99 7.50 -21.94 -19.98
N LEU A 100 7.81 -20.77 -20.54
CA LEU A 100 6.85 -19.65 -20.56
C LEU A 100 5.58 -20.02 -21.32
N HIS A 101 5.76 -20.61 -22.50
CA HIS A 101 4.66 -21.09 -23.32
C HIS A 101 3.76 -22.11 -22.59
N LEU A 102 4.35 -23.11 -21.95
CA LEU A 102 3.58 -24.16 -21.28
C LEU A 102 2.71 -23.62 -20.14
N LYS A 103 3.24 -22.62 -19.43
CA LYS A 103 2.51 -21.92 -18.35
C LYS A 103 1.24 -21.26 -18.87
N LYS A 104 1.34 -20.65 -20.05
CA LYS A 104 0.19 -20.08 -20.74
C LYS A 104 -0.82 -21.16 -21.19
N LEU A 105 -0.31 -22.29 -21.72
CA LEU A 105 -1.19 -23.45 -22.03
C LEU A 105 -1.90 -23.99 -20.79
N PHE A 106 -1.15 -24.11 -19.70
CA PHE A 106 -1.67 -24.57 -18.41
C PHE A 106 -2.83 -23.68 -17.96
N ARG A 107 -2.60 -22.37 -17.97
CA ARG A 107 -3.64 -21.36 -17.68
C ARG A 107 -4.90 -21.51 -18.53
N GLU A 108 -4.73 -21.73 -19.84
CA GLU A 108 -5.86 -21.87 -20.76
C GLU A 108 -6.51 -23.26 -20.69
N GLY A 109 -5.97 -24.14 -19.86
CA GLY A 109 -6.52 -25.46 -19.62
C GLY A 109 -6.15 -26.52 -20.64
N ARG A 110 -5.10 -26.28 -21.43
CA ARG A 110 -4.61 -27.26 -22.40
C ARG A 110 -3.63 -28.16 -21.67
N PHE A 111 -4.07 -29.36 -21.34
CA PHE A 111 -3.28 -30.30 -20.54
C PHE A 111 -2.68 -31.46 -21.36
N ASN A 112 -2.98 -31.46 -22.66
CA ASN A 112 -2.62 -32.54 -23.59
C ASN A 112 -1.51 -32.08 -24.52
N VAL B 2 -12.34 2.17 -23.24
CA VAL B 2 -12.47 1.00 -22.32
C VAL B 2 -12.27 1.39 -20.84
N GLN B 3 -13.35 1.36 -20.07
CA GLN B 3 -13.35 1.84 -18.67
C GLN B 3 -14.20 0.99 -17.73
N LEU B 4 -13.84 1.01 -16.44
CA LEU B 4 -14.71 0.54 -15.36
C LEU B 4 -15.07 1.74 -14.48
N VAL B 5 -16.37 1.95 -14.27
CA VAL B 5 -16.87 3.16 -13.61
C VAL B 5 -17.48 2.74 -12.28
N GLN B 6 -16.91 3.23 -11.17
CA GLN B 6 -17.36 2.82 -9.83
C GLN B 6 -18.22 3.88 -9.16
N SER B 7 -19.13 3.43 -8.29
CA SER B 7 -20.01 4.30 -7.51
C SER B 7 -19.22 5.12 -6.48
N GLY B 8 -19.85 6.18 -5.97
CA GLY B 8 -19.21 7.11 -5.02
C GLY B 8 -18.98 6.58 -3.61
N ALA B 9 -18.16 7.32 -2.86
CA ALA B 9 -17.76 6.99 -1.49
C ALA B 9 -18.96 6.80 -0.57
N GLU B 10 -18.89 5.82 0.32
CA GLU B 10 -19.98 5.51 1.23
C GLU B 10 -19.52 5.55 2.69
N VAL B 11 -20.40 6.04 3.55
CA VAL B 11 -20.19 6.01 5.00
C VAL B 11 -21.24 5.08 5.61
N LYS B 12 -20.79 4.10 6.39
CA LYS B 12 -21.67 3.05 6.89
C LYS B 12 -21.43 2.80 8.37
N LYS B 13 -22.48 2.44 9.09
CA LYS B 13 -22.37 2.09 10.51
C LYS B 13 -21.95 0.64 10.65
N PRO B 14 -21.27 0.27 11.78
CA PRO B 14 -20.93 -1.13 12.03
C PRO B 14 -22.18 -2.01 12.03
N GLY B 15 -22.09 -3.17 11.39
CA GLY B 15 -23.23 -4.07 11.23
C GLY B 15 -24.09 -3.82 10.00
N ALA B 16 -23.91 -2.67 9.34
CA ALA B 16 -24.64 -2.40 8.11
C ALA B 16 -24.02 -3.17 6.92
N SER B 17 -24.64 -3.01 5.75
CA SER B 17 -24.19 -3.61 4.50
C SER B 17 -23.91 -2.48 3.53
N VAL B 18 -22.95 -2.70 2.63
CA VAL B 18 -22.70 -1.78 1.51
C VAL B 18 -22.81 -2.58 0.20
N LYS B 19 -23.42 -1.96 -0.81
CA LYS B 19 -23.41 -2.48 -2.16
C LYS B 19 -22.68 -1.47 -3.06
N VAL B 20 -21.57 -1.91 -3.65
CA VAL B 20 -20.78 -1.07 -4.53
C VAL B 20 -21.04 -1.53 -5.96
N SER B 21 -21.09 -0.58 -6.89
CA SER B 21 -21.33 -0.89 -8.31
C SER B 21 -20.11 -0.60 -9.19
N CYS B 22 -20.03 -1.33 -10.30
CA CYS B 22 -18.95 -1.22 -11.25
C CYS B 22 -19.54 -1.41 -12.64
N LYS B 23 -19.56 -0.32 -13.42
CA LYS B 23 -20.12 -0.35 -14.76
C LYS B 23 -19.02 -0.42 -15.81
N ALA B 24 -19.17 -1.35 -16.74
CA ALA B 24 -18.21 -1.55 -17.80
C ALA B 24 -18.59 -0.82 -19.08
N SER B 25 -17.60 -0.21 -19.73
CA SER B 25 -17.81 0.55 -20.97
C SER B 25 -16.70 0.24 -21.98
N GLY B 26 -17.07 0.14 -23.25
CA GLY B 26 -16.10 0.01 -24.35
C GLY B 26 -15.65 -1.41 -24.71
N TYR B 27 -16.19 -2.43 -24.01
CA TYR B 27 -15.89 -3.83 -24.35
C TYR B 27 -17.12 -4.72 -24.17
N THR B 28 -17.03 -5.99 -24.59
CA THR B 28 -18.17 -6.91 -24.43
C THR B 28 -18.07 -7.50 -23.03
N PHE B 29 -18.91 -6.96 -22.16
CA PHE B 29 -18.94 -7.24 -20.73
C PHE B 29 -18.98 -8.73 -20.41
N THR B 30 -19.84 -9.45 -21.12
CA THR B 30 -20.13 -10.87 -20.86
C THR B 30 -19.08 -11.83 -21.39
N ASN B 31 -18.05 -11.30 -22.04
CA ASN B 31 -16.92 -12.14 -22.44
C ASN B 31 -15.76 -12.17 -21.42
N TYR B 32 -15.96 -11.51 -20.28
CA TYR B 32 -14.95 -11.40 -19.24
C TYR B 32 -15.54 -11.66 -17.85
N GLY B 33 -14.68 -11.58 -16.86
CA GLY B 33 -15.08 -11.58 -15.47
C GLY B 33 -14.67 -10.29 -14.78
N LEU B 34 -14.96 -10.22 -13.49
CA LEU B 34 -14.47 -9.11 -12.67
C LEU B 34 -13.97 -9.64 -11.35
N SER B 35 -12.79 -9.18 -10.97
CA SER B 35 -12.33 -9.42 -9.61
C SER B 35 -12.48 -8.17 -8.78
N TRP B 36 -12.77 -8.38 -7.50
CA TRP B 36 -12.85 -7.28 -6.56
C TRP B 36 -11.67 -7.39 -5.60
N VAL B 37 -11.04 -6.24 -5.38
CA VAL B 37 -9.81 -6.12 -4.60
C VAL B 37 -9.99 -4.90 -3.69
N ARG B 38 -9.74 -5.07 -2.39
CA ARG B 38 -9.80 -3.94 -1.47
C ARG B 38 -8.45 -3.58 -0.91
N GLN B 39 -8.36 -2.38 -0.36
CA GLN B 39 -7.12 -1.89 0.26
C GLN B 39 -7.46 -0.96 1.42
N ALA B 40 -7.18 -1.42 2.63
CA ALA B 40 -7.34 -0.61 3.84
C ALA B 40 -6.26 0.48 3.78
N PRO B 41 -6.54 1.71 4.28
CA PRO B 41 -5.59 2.83 4.04
C PRO B 41 -4.18 2.49 4.50
N GLY B 42 -3.19 2.76 3.64
CA GLY B 42 -1.79 2.45 3.91
C GLY B 42 -1.40 0.98 3.97
N GLN B 43 -2.31 0.07 3.59
CA GLN B 43 -2.00 -1.37 3.64
C GLN B 43 -2.00 -1.97 2.21
N GLY B 44 -1.89 -3.29 2.14
CA GLY B 44 -1.75 -3.98 0.85
C GLY B 44 -3.07 -4.30 0.12
N LEU B 45 -2.93 -4.83 -1.09
CA LEU B 45 -4.07 -5.31 -1.86
C LEU B 45 -4.56 -6.65 -1.31
N GLU B 46 -5.88 -6.84 -1.27
CA GLU B 46 -6.53 -8.05 -0.78
C GLU B 46 -7.62 -8.46 -1.76
N TRP B 47 -7.52 -9.67 -2.30
CA TRP B 47 -8.50 -10.16 -3.29
C TRP B 47 -9.75 -10.65 -2.58
N MET B 48 -10.90 -10.13 -3.00
CA MET B 48 -12.18 -10.47 -2.35
C MET B 48 -12.95 -11.57 -3.05
N GLY B 49 -12.79 -11.63 -4.36
CA GLY B 49 -13.48 -12.61 -5.14
C GLY B 49 -13.61 -12.23 -6.60
N TRP B 50 -14.23 -13.15 -7.34
CA TRP B 50 -14.34 -13.05 -8.76
C TRP B 50 -15.76 -13.40 -9.15
N ILE B 51 -16.27 -12.73 -10.18
CA ILE B 51 -17.54 -13.10 -10.81
C ILE B 51 -17.39 -13.16 -12.33
N SER B 52 -17.98 -14.19 -12.94
CA SER B 52 -18.10 -14.24 -14.39
C SER B 52 -19.27 -13.39 -14.85
N ALA B 53 -19.03 -12.46 -15.76
CA ALA B 53 -20.15 -11.73 -16.38
C ALA B 53 -20.94 -12.58 -17.38
N ASN B 54 -20.37 -13.73 -17.76
CA ASN B 54 -21.00 -14.65 -18.70
C ASN B 54 -22.15 -15.44 -18.09
N ASN B 55 -21.93 -16.03 -16.91
CA ASN B 55 -22.93 -16.91 -16.29
C ASN B 55 -23.23 -16.60 -14.82
N GLY B 56 -22.50 -15.65 -14.24
CA GLY B 56 -22.74 -15.27 -12.86
C GLY B 56 -22.16 -16.24 -11.86
N ASP B 57 -21.29 -17.14 -12.30
CA ASP B 57 -20.52 -17.98 -11.37
C ASP B 57 -19.60 -17.10 -10.55
N THR B 58 -19.37 -17.52 -9.30
CA THR B 58 -18.61 -16.73 -8.36
C THR B 58 -17.61 -17.61 -7.60
N ASN B 59 -16.53 -16.99 -7.16
CA ASN B 59 -15.56 -17.64 -6.30
C ASN B 59 -15.06 -16.56 -5.36
N TYR B 60 -15.34 -16.71 -4.06
CA TYR B 60 -15.03 -15.67 -3.08
C TYR B 60 -13.76 -16.00 -2.35
N GLY B 61 -13.03 -14.95 -1.95
CA GLY B 61 -11.86 -15.11 -1.07
C GLY B 61 -12.28 -15.82 0.20
N GLN B 62 -11.38 -16.63 0.76
CA GLN B 62 -11.65 -17.43 1.95
C GLN B 62 -12.08 -16.61 3.18
N GLU B 63 -11.45 -15.45 3.38
CA GLU B 63 -11.80 -14.52 4.45
C GLU B 63 -13.16 -13.81 4.24
N PHE B 64 -13.72 -13.88 3.04
CA PHE B 64 -14.99 -13.20 2.71
C PHE B 64 -16.19 -14.11 2.46
N GLN B 65 -15.94 -15.43 2.41
CA GLN B 65 -17.01 -16.42 2.24
C GLN B 65 -18.08 -16.31 3.35
N GLY B 66 -19.33 -16.12 2.93
CA GLY B 66 -20.43 -15.88 3.87
C GLY B 66 -20.85 -14.42 3.97
N ARG B 67 -19.86 -13.52 3.93
CA ARG B 67 -20.06 -12.07 4.12
C ARG B 67 -20.26 -11.27 2.83
N VAL B 68 -19.84 -11.81 1.68
CA VAL B 68 -19.92 -11.08 0.40
C VAL B 68 -20.88 -11.75 -0.59
N THR B 69 -21.56 -10.94 -1.38
CA THR B 69 -22.30 -11.42 -2.53
C THR B 69 -21.94 -10.59 -3.75
N MET B 70 -21.55 -11.27 -4.81
CA MET B 70 -21.35 -10.65 -6.13
C MET B 70 -22.49 -10.99 -7.09
N THR B 71 -22.94 -10.00 -7.85
CA THR B 71 -23.96 -10.18 -8.87
C THR B 71 -23.58 -9.34 -10.10
N THR B 72 -24.17 -9.70 -11.24
CA THR B 72 -24.07 -8.90 -12.46
C THR B 72 -25.45 -8.60 -13.03
N ASP B 73 -25.58 -7.43 -13.66
CA ASP B 73 -26.73 -7.12 -14.49
C ASP B 73 -26.28 -6.87 -15.92
N THR B 74 -26.54 -7.87 -16.77
CA THR B 74 -26.14 -7.90 -18.17
C THR B 74 -26.74 -6.75 -18.98
N SER B 75 -28.02 -6.44 -18.71
CA SER B 75 -28.75 -5.36 -19.39
C SER B 75 -28.06 -3.99 -19.32
N THR B 76 -27.30 -3.75 -18.26
CA THR B 76 -26.63 -2.46 -18.02
C THR B 76 -25.10 -2.54 -17.94
N SER B 77 -24.57 -3.75 -18.16
CA SER B 77 -23.12 -4.03 -18.08
C SER B 77 -22.54 -3.60 -16.73
N THR B 78 -23.22 -3.98 -15.66
CA THR B 78 -22.88 -3.54 -14.31
C THR B 78 -22.70 -4.76 -13.40
N ALA B 79 -21.65 -4.72 -12.57
CA ALA B 79 -21.46 -5.71 -11.51
C ALA B 79 -21.61 -5.07 -10.14
N TYR B 80 -22.05 -5.86 -9.18
CA TYR B 80 -22.33 -5.40 -7.83
C TYR B 80 -21.59 -6.26 -6.83
N MET B 81 -21.07 -5.62 -5.80
CA MET B 81 -20.43 -6.31 -4.71
C MET B 81 -21.09 -5.79 -3.44
N GLU B 82 -21.65 -6.71 -2.68
CA GLU B 82 -22.26 -6.38 -1.41
C GLU B 82 -21.47 -7.02 -0.29
N LEU B 83 -21.06 -6.19 0.66
CA LEU B 83 -20.40 -6.66 1.86
C LEU B 83 -21.32 -6.41 3.06
N ARG B 84 -21.53 -7.46 3.85
CA ARG B 84 -22.45 -7.42 4.99
C ARG B 84 -21.71 -7.40 6.32
N SER B 85 -22.47 -7.14 7.40
CA SER B 85 -21.95 -7.17 8.77
C SER B 85 -20.62 -6.40 8.91
N LEU B 86 -20.65 -5.14 8.48
CA LEU B 86 -19.45 -4.30 8.40
C LEU B 86 -18.84 -4.01 9.77
N ARG B 87 -17.52 -3.91 9.81
CA ARG B 87 -16.77 -3.55 11.02
C ARG B 87 -15.83 -2.39 10.67
N SER B 88 -15.26 -1.75 11.70
CA SER B 88 -14.26 -0.68 11.53
C SER B 88 -13.13 -1.06 10.58
N ASP B 89 -12.67 -2.31 10.70
CA ASP B 89 -11.59 -2.85 9.86
C ASP B 89 -11.97 -3.13 8.39
N ASP B 90 -13.23 -2.92 8.02
CA ASP B 90 -13.63 -2.94 6.61
C ASP B 90 -13.52 -1.59 5.92
N THR B 91 -13.07 -0.59 6.65
CA THR B 91 -12.76 0.72 6.05
C THR B 91 -11.63 0.52 5.04
N ALA B 92 -11.93 0.80 3.78
CA ALA B 92 -11.03 0.48 2.67
C ALA B 92 -11.51 1.15 1.38
N VAL B 93 -10.63 1.19 0.39
CA VAL B 93 -11.01 1.49 -0.98
C VAL B 93 -11.24 0.13 -1.64
N TYR B 94 -12.41 0.00 -2.29
CA TYR B 94 -12.84 -1.22 -2.94
C TYR B 94 -12.74 -0.97 -4.43
N TYR B 95 -11.93 -1.79 -5.10
CA TYR B 95 -11.72 -1.70 -6.54
C TYR B 95 -12.36 -2.88 -7.26
N CYS B 96 -12.91 -2.62 -8.45
N CYS B 96 -12.96 -2.63 -8.36
CA CYS B 96 -13.22 -3.66 -9.39
CA CYS B 96 -13.27 -3.67 -9.30
C CYS B 96 -12.15 -3.64 -10.48
C CYS B 96 -12.20 -3.65 -10.39
N ALA B 97 -11.87 -4.81 -11.05
CA ALA B 97 -10.88 -4.96 -12.11
C ALA B 97 -11.28 -6.06 -13.07
N ARG B 98 -10.98 -5.87 -14.36
CA ARG B 98 -11.31 -6.88 -15.36
C ARG B 98 -10.41 -8.10 -15.24
N ASP B 99 -11.02 -9.26 -15.39
CA ASP B 99 -10.34 -10.56 -15.23
C ASP B 99 -10.93 -11.41 -16.36
N SER B 100 -10.40 -12.61 -16.54
CA SER B 100 -10.94 -13.58 -17.49
C SER B 100 -12.30 -14.08 -17.02
N SER B 101 -13.10 -14.57 -17.96
CA SER B 101 -14.38 -15.23 -17.63
C SER B 101 -14.20 -16.70 -17.19
N SER B 102 -12.97 -17.21 -17.25
CA SER B 102 -12.64 -18.59 -16.88
C SER B 102 -12.78 -18.84 -15.38
N SER B 103 -13.50 -19.92 -15.05
CA SER B 103 -13.63 -20.41 -13.68
C SER B 103 -12.42 -21.28 -13.27
N TRP B 104 -11.60 -21.70 -14.24
CA TRP B 104 -10.38 -22.49 -13.99
C TRP B 104 -9.20 -21.64 -13.48
N ALA B 105 -8.86 -20.59 -14.22
CA ALA B 105 -7.67 -19.81 -13.93
C ALA B 105 -7.97 -18.34 -13.76
N ARG B 106 -7.25 -17.73 -12.83
CA ARG B 106 -7.31 -16.29 -12.61
C ARG B 106 -6.18 -15.64 -13.40
N TRP B 107 -6.45 -14.47 -13.98
CA TRP B 107 -5.50 -13.83 -14.89
C TRP B 107 -4.98 -12.53 -14.27
N PHE B 108 -4.14 -11.81 -15.01
CA PHE B 108 -3.74 -10.46 -14.63
C PHE B 108 -4.94 -9.50 -14.75
N PHE B 109 -4.88 -8.36 -14.05
CA PHE B 109 -5.97 -7.40 -14.01
C PHE B 109 -5.57 -6.14 -14.82
N ASP B 110 -5.97 -6.12 -16.09
CA ASP B 110 -5.49 -5.08 -17.00
C ASP B 110 -6.21 -3.75 -16.84
N LEU B 111 -7.50 -3.81 -16.52
CA LEU B 111 -8.37 -2.65 -16.44
C LEU B 111 -8.90 -2.54 -15.01
N TRP B 112 -8.77 -1.35 -14.40
CA TRP B 112 -9.20 -1.12 -13.01
C TRP B 112 -10.19 0.02 -12.92
N GLY B 113 -11.16 -0.13 -12.03
CA GLY B 113 -12.01 0.99 -11.62
C GLY B 113 -11.17 1.90 -10.75
N ARG B 114 -11.68 3.09 -10.49
CA ARG B 114 -10.91 4.08 -9.73
C ARG B 114 -11.04 3.92 -8.23
N GLY B 115 -11.88 2.97 -7.81
CA GLY B 115 -12.07 2.66 -6.41
C GLY B 115 -13.18 3.43 -5.73
N THR B 116 -13.81 2.77 -4.76
CA THR B 116 -14.87 3.35 -3.94
C THR B 116 -14.43 3.24 -2.48
N LEU B 117 -14.26 4.40 -1.85
CA LEU B 117 -13.97 4.43 -0.42
C LEU B 117 -15.22 4.05 0.35
N VAL B 118 -15.09 3.08 1.25
CA VAL B 118 -16.15 2.79 2.22
C VAL B 118 -15.56 3.05 3.61
N THR B 119 -16.14 4.01 4.33
CA THR B 119 -15.74 4.32 5.70
C THR B 119 -16.77 3.78 6.66
N VAL B 120 -16.32 2.95 7.58
CA VAL B 120 -17.20 2.31 8.53
C VAL B 120 -16.97 2.96 9.88
N SER B 121 -18.00 3.65 10.37
CA SER B 121 -17.93 4.41 11.62
C SER B 121 -19.29 4.42 12.34
N SER B 122 -19.28 4.31 13.66
CA SER B 122 -20.54 4.48 14.43
C SER B 122 -20.94 5.94 14.62
N ALA B 123 -20.06 6.87 14.24
CA ALA B 123 -20.25 8.31 14.49
C ALA B 123 -21.40 8.94 13.72
N SER B 124 -22.13 9.83 14.39
CA SER B 124 -23.02 10.80 13.75
C SER B 124 -22.22 12.06 13.43
N THR B 125 -22.77 12.94 12.60
CA THR B 125 -22.19 14.26 12.36
C THR B 125 -21.84 14.93 13.70
N LYS B 126 -20.66 15.50 13.79
CA LYS B 126 -20.17 16.06 15.05
C LYS B 126 -19.16 17.15 14.73
N GLY B 127 -19.31 18.30 15.37
CA GLY B 127 -18.37 19.40 15.23
C GLY B 127 -17.14 19.15 16.08
N PRO B 128 -15.99 19.69 15.67
CA PRO B 128 -14.76 19.40 16.44
C PRO B 128 -14.65 20.24 17.70
N SER B 129 -13.84 19.76 18.65
CA SER B 129 -13.32 20.56 19.75
C SER B 129 -11.96 21.05 19.28
N VAL B 130 -11.65 22.33 19.51
CA VAL B 130 -10.41 22.93 19.04
C VAL B 130 -9.52 23.32 20.24
N PHE B 131 -8.36 22.68 20.35
CA PHE B 131 -7.45 22.87 21.48
C PHE B 131 -6.13 23.47 21.04
N PRO B 132 -5.51 24.31 21.89
CA PRO B 132 -4.21 24.86 21.50
C PRO B 132 -3.06 23.87 21.69
N LEU B 133 -2.11 23.92 20.77
CA LEU B 133 -0.86 23.19 20.91
C LEU B 133 0.24 24.19 21.19
N ALA B 134 0.86 24.08 22.37
CA ALA B 134 1.95 24.97 22.76
C ALA B 134 3.03 24.12 23.45
N PRO B 135 4.31 24.41 23.15
CA PRO B 135 5.39 23.66 23.79
C PRO B 135 5.38 23.78 25.31
N ILE B 136 5.85 22.72 25.98
CA ILE B 136 5.99 22.69 27.44
C ILE B 136 7.13 23.56 27.92
N SER B 137 8.19 23.63 27.11
CA SER B 137 9.38 24.33 27.48
C SER B 137 9.33 25.77 27.05
N LYS B 138 10.09 26.62 27.73
CA LYS B 138 10.17 28.02 27.33
C LYS B 138 10.89 28.06 25.99
N SER B 139 10.61 29.12 25.22
CA SER B 139 11.25 29.33 23.92
C SER B 139 12.72 29.69 24.13
N THR B 140 13.56 29.29 23.18
CA THR B 140 14.99 29.58 23.20
C THR B 140 15.37 30.29 21.90
N SER B 141 16.23 31.32 22.02
CA SER B 141 16.83 31.97 20.85
C SER B 141 17.70 30.98 20.08
N GLY B 142 17.76 31.17 18.76
CA GLY B 142 18.47 30.24 17.88
C GLY B 142 17.69 28.99 17.54
N GLY B 143 16.45 28.91 18.01
CA GLY B 143 15.53 27.81 17.68
C GLY B 143 14.21 28.37 17.19
N THR B 144 13.45 27.55 16.47
CA THR B 144 12.11 27.94 16.06
C THR B 144 11.12 27.50 17.14
N ALA B 145 9.97 28.17 17.21
CA ALA B 145 8.88 27.78 18.10
C ALA B 145 7.71 27.25 17.26
N ALA B 146 7.17 26.10 17.66
CA ALA B 146 6.03 25.50 16.97
C ALA B 146 4.76 25.68 17.78
N LEU B 147 3.77 26.34 17.18
CA LEU B 147 2.45 26.52 17.77
C LEU B 147 1.41 25.86 16.87
N GLY B 148 0.39 25.26 17.47
CA GLY B 148 -0.62 24.58 16.68
C GLY B 148 -2.02 24.58 17.24
N CYS B 149 -2.94 23.99 16.49
N CYS B 149 -2.98 23.98 16.58
CA CYS B 149 -4.25 23.70 17.02
CA CYS B 149 -4.29 23.69 17.11
C CYS B 149 -4.58 22.25 16.74
C CYS B 149 -4.62 22.24 16.83
N LEU B 150 -5.14 21.60 17.75
CA LEU B 150 -5.58 20.22 17.65
C LEU B 150 -7.07 20.28 17.36
N VAL B 151 -7.47 19.80 16.18
CA VAL B 151 -8.88 19.79 15.76
C VAL B 151 -9.42 18.38 16.07
N LYS B 152 -10.10 18.23 17.20
CA LYS B 152 -10.32 16.92 17.79
C LYS B 152 -11.80 16.46 17.69
N ASP B 153 -11.98 15.16 17.41
CA ASP B 153 -13.29 14.46 17.50
C ASP B 153 -14.40 15.02 16.61
N TYR B 154 -14.19 14.97 15.28
CA TYR B 154 -15.19 15.44 14.32
C TYR B 154 -15.59 14.33 13.32
N PHE B 155 -16.74 14.52 12.68
CA PHE B 155 -17.27 13.59 11.69
C PHE B 155 -18.33 14.30 10.82
N PRO B 156 -18.32 14.10 9.49
CA PRO B 156 -17.30 13.37 8.74
C PRO B 156 -16.21 14.33 8.25
N GLU B 157 -15.33 13.85 7.38
CA GLU B 157 -14.39 14.71 6.65
C GLU B 157 -15.18 15.67 5.74
N PRO B 158 -14.68 16.87 5.39
CA PRO B 158 -13.36 17.40 5.79
C PRO B 158 -13.44 18.59 6.78
N VAL B 159 -12.27 19.00 7.27
CA VAL B 159 -12.10 20.23 8.04
C VAL B 159 -11.17 21.17 7.25
N THR B 160 -11.41 22.47 7.33
CA THR B 160 -10.52 23.47 6.74
C THR B 160 -9.84 24.24 7.85
N VAL B 161 -8.51 24.36 7.77
CA VAL B 161 -7.77 25.14 8.76
C VAL B 161 -7.00 26.26 8.08
N SER B 162 -7.21 27.48 8.58
CA SER B 162 -6.45 28.65 8.17
C SER B 162 -5.82 29.33 9.39
N TRP B 163 -4.79 30.16 9.17
CA TRP B 163 -4.20 30.96 10.24
C TRP B 163 -4.25 32.46 9.95
N ASN B 164 -4.69 33.22 10.96
CA ASN B 164 -4.90 34.68 10.88
C ASN B 164 -5.74 35.09 9.66
N SER B 165 -6.86 34.38 9.47
CA SER B 165 -7.81 34.54 8.34
C SER B 165 -7.17 34.33 6.94
N GLY B 166 -6.13 33.51 6.87
CA GLY B 166 -5.41 33.25 5.61
C GLY B 166 -4.22 34.17 5.36
N ALA B 167 -4.05 35.19 6.20
CA ALA B 167 -2.91 36.11 6.10
C ALA B 167 -1.56 35.44 6.41
N LEU B 168 -1.57 34.47 7.32
CA LEU B 168 -0.38 33.67 7.62
C LEU B 168 -0.43 32.33 6.88
N THR B 169 0.60 32.10 6.06
CA THR B 169 0.60 30.99 5.10
C THR B 169 1.96 30.26 5.07
N SER B 170 3.01 31.02 5.39
CA SER B 170 4.39 30.54 5.44
C SER B 170 4.64 29.83 6.75
N GLY B 171 5.33 28.69 6.67
CA GLY B 171 5.62 27.87 7.84
C GLY B 171 4.39 27.23 8.49
N VAL B 172 3.32 27.07 7.71
CA VAL B 172 2.07 26.43 8.15
C VAL B 172 2.03 25.03 7.54
N HIS B 173 1.77 24.03 8.38
CA HIS B 173 1.53 22.68 7.88
C HIS B 173 0.31 22.07 8.56
N THR B 174 -0.69 21.74 7.74
CA THR B 174 -1.89 21.06 8.18
C THR B 174 -1.80 19.59 7.78
N PHE B 175 -1.85 18.73 8.79
CA PHE B 175 -1.67 17.28 8.62
C PHE B 175 -2.94 16.65 8.12
N PRO B 176 -2.84 15.45 7.48
CA PRO B 176 -4.09 14.73 7.20
C PRO B 176 -4.73 14.21 8.50
N ALA B 177 -6.02 13.92 8.45
CA ALA B 177 -6.78 13.41 9.58
C ALA B 177 -6.41 11.98 9.93
N VAL B 178 -6.55 11.62 11.21
CA VAL B 178 -6.54 10.21 11.61
C VAL B 178 -7.97 9.80 11.97
N LEU B 179 -8.34 8.58 11.60
CA LEU B 179 -9.62 8.02 12.03
C LEU B 179 -9.35 7.18 13.27
N GLN B 180 -9.92 7.62 14.39
CA GLN B 180 -9.72 6.94 15.67
C GLN B 180 -10.60 5.72 15.79
N SER B 181 -10.29 4.87 16.78
CA SER B 181 -11.09 3.69 17.12
C SER B 181 -12.55 4.02 17.47
N SER B 182 -12.76 5.16 18.10
CA SER B 182 -14.11 5.72 18.36
C SER B 182 -14.96 6.02 17.10
N GLY B 183 -14.32 6.02 15.93
CA GLY B 183 -15.02 6.36 14.70
C GLY B 183 -15.02 7.84 14.35
N LEU B 184 -14.28 8.64 15.12
CA LEU B 184 -14.21 10.10 14.86
C LEU B 184 -12.82 10.48 14.38
N TYR B 185 -12.74 11.56 13.59
CA TYR B 185 -11.48 12.09 13.09
C TYR B 185 -10.81 13.07 14.05
N SER B 186 -9.48 13.15 13.97
CA SER B 186 -8.68 14.20 14.59
C SER B 186 -7.62 14.66 13.59
N LEU B 187 -7.30 15.94 13.65
CA LEU B 187 -6.32 16.54 12.73
C LEU B 187 -5.55 17.61 13.49
N SER B 188 -4.30 17.82 13.12
CA SER B 188 -3.52 18.94 13.65
C SER B 188 -3.05 19.87 12.55
N SER B 189 -2.92 21.15 12.90
CA SER B 189 -2.28 22.15 12.05
C SER B 189 -1.26 22.92 12.87
N VAL B 190 -0.04 23.04 12.35
N VAL B 190 -0.08 23.03 12.44
CA VAL B 190 1.06 23.69 13.07
CA VAL B 190 1.01 23.68 13.16
C VAL B 190 1.72 24.80 12.29
C VAL B 190 1.68 24.79 12.38
N VAL B 191 2.02 25.88 13.03
CA VAL B 191 2.81 26.97 12.48
C VAL B 191 4.15 27.06 13.17
N THR B 192 5.21 27.13 12.39
CA THR B 192 6.56 27.27 12.90
C THR B 192 6.90 28.74 12.84
N VAL B 193 7.35 29.30 13.95
CA VAL B 193 7.68 30.72 13.98
C VAL B 193 8.90 31.08 14.80
N GLY B 194 9.31 32.33 14.68
CA GLY B 194 10.44 32.82 15.43
C GLY B 194 10.01 33.17 16.83
N PRO B 195 10.89 32.82 17.84
CA PRO B 195 10.45 33.19 19.20
C PRO B 195 9.95 34.63 19.34
N SER B 196 8.69 34.74 19.75
CA SER B 196 8.01 36.02 19.93
C SER B 196 6.55 35.77 20.31
N GLN B 202 3.14 39.67 17.80
CA GLN B 202 2.23 39.05 16.82
C GLN B 202 1.31 38.00 17.46
N THR B 203 0.03 38.07 17.12
CA THR B 203 -1.00 37.15 17.64
C THR B 203 -1.33 36.07 16.61
N TYR B 204 -1.51 34.84 17.07
CA TYR B 204 -1.77 33.69 16.17
C TYR B 204 -3.13 33.08 16.44
N ILE B 205 -3.97 33.09 15.42
CA ILE B 205 -5.34 32.60 15.54
C ILE B 205 -5.51 31.54 14.45
N CYS B 206 -5.94 30.33 14.86
CA CYS B 206 -6.29 29.30 13.90
C CYS B 206 -7.79 29.36 13.68
N ASN B 207 -8.18 29.31 12.42
CA ASN B 207 -9.59 29.36 12.02
C ASN B 207 -9.97 27.97 11.52
N VAL B 208 -10.95 27.35 12.18
CA VAL B 208 -11.36 25.98 11.86
C VAL B 208 -12.77 26.01 11.25
N ASN B 209 -12.92 25.36 10.08
CA ASN B 209 -14.22 25.27 9.39
C ASN B 209 -14.64 23.83 9.21
N HIS B 210 -15.79 23.48 9.77
CA HIS B 210 -16.40 22.16 9.59
C HIS B 210 -17.86 22.36 9.16
N LYS B 211 -18.06 22.45 7.85
CA LYS B 211 -19.38 22.66 7.22
C LYS B 211 -20.47 21.62 7.59
N PRO B 212 -20.16 20.30 7.54
CA PRO B 212 -21.20 19.32 7.92
C PRO B 212 -21.92 19.61 9.24
N SER B 213 -21.22 20.22 10.20
CA SER B 213 -21.81 20.52 11.50
C SER B 213 -22.05 22.02 11.71
N ASN B 214 -21.87 22.79 10.63
CA ASN B 214 -21.92 24.27 10.62
C ASN B 214 -21.11 24.91 11.76
N THR B 215 -19.88 24.44 11.91
CA THR B 215 -18.96 24.91 12.95
C THR B 215 -17.88 25.80 12.32
N LYS B 216 -17.75 27.00 12.88
CA LYS B 216 -16.66 27.94 12.56
C LYS B 216 -16.03 28.40 13.88
N VAL B 217 -14.78 27.99 14.12
CA VAL B 217 -14.09 28.33 15.38
C VAL B 217 -12.85 29.19 15.12
N ASP B 218 -12.67 30.23 15.94
CA ASP B 218 -11.43 30.98 15.99
C ASP B 218 -10.75 30.70 17.34
N LYS B 219 -9.54 30.15 17.29
CA LYS B 219 -8.78 29.82 18.50
C LYS B 219 -7.43 30.54 18.51
N ARG B 220 -7.30 31.49 19.45
CA ARG B 220 -6.04 32.16 19.72
C ARG B 220 -5.07 31.18 20.38
N VAL B 221 -3.88 31.05 19.83
CA VAL B 221 -2.84 30.18 20.40
C VAL B 221 -1.63 31.02 20.78
N GLU B 222 -1.32 31.02 22.07
CA GLU B 222 -0.14 31.71 22.62
C GLU B 222 0.83 30.68 23.15
N SER B 223 2.13 30.99 23.11
CA SER B 223 3.15 30.21 23.82
C SER B 223 2.88 30.24 25.32
N LYS B 224 3.39 29.25 26.04
CA LYS B 224 3.21 29.22 27.49
C LYS B 224 4.00 30.33 28.21
N TYR B 225 5.20 30.65 27.70
CA TYR B 225 6.19 31.45 28.43
C TYR B 225 6.67 32.71 27.71
N GLY B 226 6.12 33.00 26.54
CA GLY B 226 6.49 34.18 25.76
C GLY B 226 7.80 34.04 25.00
N PRO B 227 8.39 35.19 24.53
CA PRO B 227 9.68 35.21 23.83
C PRO B 227 10.79 34.72 24.79
N PRO B 228 11.99 34.33 24.26
CA PRO B 228 13.00 33.68 25.11
C PRO B 228 13.41 34.47 26.37
N SER B 229 13.35 33.79 27.51
CA SER B 229 13.67 34.37 28.81
C SER B 229 14.47 33.34 29.59
N PRO B 230 15.81 33.50 29.60
CA PRO B 230 16.68 32.49 30.20
C PRO B 230 16.48 32.34 31.72
N SER B 231 16.00 33.38 32.38
CA SER B 231 15.83 33.35 33.85
C SER B 231 14.38 33.23 34.32
N SER B 232 13.51 32.73 33.46
CA SER B 232 12.11 32.41 33.81
C SER B 232 12.10 30.99 34.45
N PRO B 233 11.43 30.82 35.61
CA PRO B 233 11.38 29.49 36.27
C PRO B 233 10.41 28.54 35.56
N ALA B 234 10.89 27.97 34.46
CA ALA B 234 10.11 27.22 33.48
C ALA B 234 11.02 26.21 32.81
N PRO B 235 10.49 25.04 32.41
CA PRO B 235 11.36 23.98 31.87
C PRO B 235 12.02 24.34 30.54
N ALA B 236 13.19 23.76 30.30
CA ALA B 236 13.94 23.97 29.06
C ALA B 236 14.05 22.66 28.28
N LYS B 237 14.09 21.54 28.99
CA LYS B 237 14.37 20.24 28.37
C LYS B 237 13.15 19.33 28.27
N ASN B 238 11.96 19.91 28.48
CA ASN B 238 10.71 19.18 28.79
C ASN B 238 10.80 18.36 30.09
N TYR C 2 -0.90 -20.52 -0.82
CA TYR C 2 0.36 -20.05 -1.48
C TYR C 2 0.71 -18.63 -1.04
N VAL C 3 1.99 -18.42 -0.72
CA VAL C 3 2.47 -17.17 -0.09
C VAL C 3 3.53 -16.50 -0.98
N LEU C 4 3.29 -15.23 -1.29
CA LEU C 4 4.27 -14.39 -2.00
C LEU C 4 4.94 -13.42 -1.03
N THR C 5 6.26 -13.35 -1.11
CA THR C 5 7.07 -12.52 -0.21
C THR C 5 7.84 -11.44 -0.97
N GLN C 6 7.58 -10.19 -0.62
CA GLN C 6 8.30 -9.02 -1.17
C GLN C 6 9.03 -8.28 -0.05
N PRO C 7 10.18 -7.66 -0.36
CA PRO C 7 10.76 -6.76 0.65
C PRO C 7 9.83 -5.56 0.85
N PRO C 8 9.64 -5.11 2.11
CA PRO C 8 8.77 -3.94 2.33
C PRO C 8 9.25 -2.67 1.63
N SER C 9 10.56 -2.52 1.48
CA SER C 9 11.11 -1.29 0.87
C SER C 9 12.37 -1.51 0.04
N VAL C 10 12.52 -0.68 -1.01
CA VAL C 10 13.73 -0.59 -1.81
C VAL C 10 13.98 0.90 -2.06
N SER C 11 15.24 1.31 -1.87
CA SER C 11 15.70 2.67 -2.15
C SER C 11 16.68 2.69 -3.30
N VAL C 12 16.60 3.71 -4.14
CA VAL C 12 17.42 3.77 -5.36
C VAL C 12 17.69 5.24 -5.69
N ALA C 13 18.90 5.53 -6.17
CA ALA C 13 19.26 6.87 -6.63
C ALA C 13 18.70 7.10 -8.05
N PRO C 14 18.30 8.35 -8.37
CA PRO C 14 17.86 8.65 -9.75
C PRO C 14 18.84 8.17 -10.81
N GLY C 15 18.31 7.56 -11.87
CA GLY C 15 19.15 7.10 -12.97
C GLY C 15 19.74 5.72 -12.79
N LYS C 16 19.72 5.19 -11.57
CA LYS C 16 20.16 3.82 -11.32
C LYS C 16 19.05 2.82 -11.65
N THR C 17 19.36 1.54 -11.48
CA THR C 17 18.42 0.44 -11.77
C THR C 17 17.86 -0.09 -10.45
N ALA C 18 16.54 -0.17 -10.36
CA ALA C 18 15.88 -0.69 -9.18
C ALA C 18 15.46 -2.13 -9.48
N ARG C 19 15.62 -3.01 -8.49
CA ARG C 19 15.20 -4.40 -8.61
C ARG C 19 14.34 -4.75 -7.42
N ILE C 20 13.13 -5.21 -7.71
CA ILE C 20 12.16 -5.62 -6.68
C ILE C 20 11.90 -7.11 -6.85
N THR C 21 12.14 -7.87 -5.79
CA THR C 21 11.94 -9.32 -5.80
C THR C 21 10.59 -9.76 -5.28
N CYS C 22 10.13 -10.92 -5.77
CA CYS C 22 8.92 -11.58 -5.30
C CYS C 22 9.24 -13.07 -5.14
N GLY C 23 9.37 -13.50 -3.88
CA GLY C 23 9.71 -14.88 -3.56
C GLY C 23 8.49 -15.75 -3.31
N GLY C 24 8.52 -16.96 -3.87
CA GLY C 24 7.55 -17.99 -3.56
C GLY C 24 8.12 -19.33 -3.99
N ASN C 25 7.65 -20.41 -3.37
CA ASN C 25 8.14 -21.75 -3.69
C ASN C 25 7.79 -22.15 -5.12
N ILE C 26 8.82 -22.41 -5.92
CA ILE C 26 8.72 -22.67 -7.38
C ILE C 26 7.84 -21.61 -8.09
N ILE C 27 8.00 -20.33 -7.72
CA ILE C 27 7.31 -19.21 -8.38
C ILE C 27 7.61 -19.18 -9.90
N GLY C 28 8.75 -19.76 -10.28
CA GLY C 28 9.10 -19.99 -11.67
C GLY C 28 8.07 -20.77 -12.47
N SER C 29 7.27 -21.59 -11.78
CA SER C 29 6.22 -22.41 -12.40
C SER C 29 4.90 -21.66 -12.59
N LYS C 30 4.85 -20.42 -12.11
CA LYS C 30 3.67 -19.56 -12.20
C LYS C 30 3.92 -18.37 -13.11
N LEU C 31 2.84 -17.84 -13.67
CA LEU C 31 2.89 -16.57 -14.40
C LEU C 31 2.76 -15.41 -13.41
N VAL C 32 3.80 -14.58 -13.34
CA VAL C 32 3.84 -13.48 -12.37
C VAL C 32 3.47 -12.16 -13.04
N HIS C 33 2.60 -11.41 -12.37
CA HIS C 33 2.16 -10.08 -12.79
C HIS C 33 2.56 -9.03 -11.76
N TRP C 34 2.81 -7.81 -12.23
CA TRP C 34 3.25 -6.69 -11.38
C TRP C 34 2.42 -5.45 -11.59
N TYR C 35 2.09 -4.80 -10.47
CA TYR C 35 1.29 -3.57 -10.44
C TYR C 35 2.05 -2.45 -9.76
N GLN C 36 1.91 -1.27 -10.33
CA GLN C 36 2.42 -0.05 -9.75
C GLN C 36 1.22 0.72 -9.19
N GLN C 37 1.33 1.16 -7.94
CA GLN C 37 0.27 1.98 -7.34
C GLN C 37 0.83 3.22 -6.65
N LYS C 38 0.38 4.37 -7.12
CA LYS C 38 0.67 5.64 -6.46
C LYS C 38 -0.45 5.98 -5.47
N PRO C 39 -0.15 6.78 -4.42
CA PRO C 39 -1.20 7.11 -3.42
C PRO C 39 -2.40 7.86 -4.01
N GLY C 40 -3.60 7.47 -3.58
CA GLY C 40 -4.86 8.01 -4.09
C GLY C 40 -5.29 7.47 -5.44
N GLN C 41 -4.50 6.56 -6.03
CA GLN C 41 -4.78 5.99 -7.36
C GLN C 41 -4.93 4.46 -7.35
N ALA C 42 -5.67 3.93 -8.32
CA ALA C 42 -5.78 2.48 -8.53
C ALA C 42 -4.44 1.92 -9.00
N PRO C 43 -4.17 0.62 -8.70
CA PRO C 43 -3.02 -0.06 -9.31
C PRO C 43 -3.03 0.02 -10.83
N VAL C 44 -1.85 0.06 -11.40
CA VAL C 44 -1.64 0.01 -12.84
C VAL C 44 -0.82 -1.23 -13.15
N LEU C 45 -1.28 -2.06 -14.08
CA LEU C 45 -0.50 -3.21 -14.58
C LEU C 45 0.73 -2.74 -15.34
N VAL C 46 1.91 -3.15 -14.88
CA VAL C 46 3.17 -2.75 -15.51
C VAL C 46 3.90 -3.88 -16.22
N ILE C 47 3.76 -5.11 -15.69
CA ILE C 47 4.34 -6.33 -16.25
C ILE C 47 3.30 -7.44 -16.03
N TYR C 48 3.11 -8.23 -17.06
CA TYR C 48 2.20 -9.36 -16.98
C TYR C 48 2.87 -10.56 -17.63
N ASP C 49 2.50 -11.74 -17.19
CA ASP C 49 3.04 -12.99 -17.71
C ASP C 49 4.56 -13.08 -17.68
N ASP C 50 5.13 -12.77 -16.51
CA ASP C 50 6.57 -12.81 -16.30
C ASP C 50 7.35 -11.60 -16.81
N GLY C 51 7.19 -11.26 -18.09
CA GLY C 51 7.94 -10.14 -18.62
C GLY C 51 7.38 -9.29 -19.75
N ASP C 52 6.08 -9.34 -19.98
CA ASP C 52 5.49 -8.51 -21.02
C ASP C 52 5.01 -7.18 -20.48
N ARG C 53 5.13 -6.13 -21.28
CA ARG C 53 4.65 -4.80 -20.90
C ARG C 53 3.37 -4.46 -21.64
N PRO C 54 2.35 -3.97 -20.91
CA PRO C 54 1.20 -3.41 -21.63
C PRO C 54 1.63 -2.15 -22.42
N SER C 55 0.84 -1.78 -23.44
CA SER C 55 1.09 -0.55 -24.21
C SER C 55 1.02 0.69 -23.30
N GLY C 56 1.97 1.60 -23.45
CA GLY C 56 2.02 2.79 -22.60
C GLY C 56 2.91 2.70 -21.37
N ILE C 57 3.43 1.50 -21.08
CA ILE C 57 4.43 1.31 -20.02
C ILE C 57 5.83 1.50 -20.63
N PRO C 58 6.70 2.35 -20.01
CA PRO C 58 8.07 2.54 -20.52
C PRO C 58 8.88 1.24 -20.61
N GLU C 59 9.65 1.12 -21.68
CA GLU C 59 10.62 0.02 -21.89
C GLU C 59 11.68 -0.11 -20.78
N ARG C 60 11.76 0.90 -19.92
CA ARG C 60 12.59 0.84 -18.70
C ARG C 60 12.10 -0.24 -17.72
N PHE C 61 10.85 -0.70 -17.90
CA PHE C 61 10.27 -1.76 -17.04
C PHE C 61 10.47 -3.14 -17.69
N SER C 62 11.03 -4.07 -16.93
CA SER C 62 11.18 -5.45 -17.39
C SER C 62 10.99 -6.41 -16.23
N GLY C 63 10.66 -7.66 -16.54
CA GLY C 63 10.40 -8.68 -15.54
C GLY C 63 11.11 -9.99 -15.85
N SER C 64 11.49 -10.71 -14.80
CA SER C 64 12.15 -12.00 -14.90
C SER C 64 11.47 -12.92 -13.91
N ASN C 65 11.46 -14.21 -14.22
CA ASN C 65 10.92 -15.20 -13.29
C ASN C 65 11.68 -16.50 -13.49
N SER C 66 12.36 -16.92 -12.42
CA SER C 66 13.17 -18.12 -12.40
C SER C 66 13.15 -18.74 -11.01
N GLY C 67 13.15 -20.08 -10.92
CA GLY C 67 13.32 -20.80 -9.64
C GLY C 67 12.33 -20.42 -8.55
N ASN C 68 12.83 -19.82 -7.48
CA ASN C 68 11.96 -19.32 -6.39
C ASN C 68 11.88 -17.80 -6.30
N THR C 69 12.32 -17.09 -7.34
CA THR C 69 12.37 -15.62 -7.29
C THR C 69 11.96 -14.99 -8.63
N ALA C 70 10.92 -14.17 -8.58
CA ALA C 70 10.56 -13.32 -9.70
C ALA C 70 11.07 -11.92 -9.41
N THR C 71 11.45 -11.18 -10.46
CA THR C 71 12.06 -9.87 -10.28
C THR C 71 11.46 -8.84 -11.25
N LEU C 72 11.09 -7.69 -10.70
CA LEU C 72 10.77 -6.51 -11.49
C LEU C 72 11.97 -5.57 -11.49
N THR C 73 12.44 -5.25 -12.70
CA THR C 73 13.60 -4.38 -12.89
C THR C 73 13.14 -3.07 -13.53
N ILE C 74 13.61 -1.95 -12.98
CA ILE C 74 13.32 -0.65 -13.55
C ILE C 74 14.65 0.07 -13.76
N SER C 75 15.02 0.26 -15.02
CA SER C 75 16.26 0.94 -15.34
C SER C 75 16.02 2.46 -15.41
N ARG C 76 17.10 3.23 -15.21
CA ARG C 76 17.07 4.70 -15.33
C ARG C 76 15.92 5.31 -14.52
N VAL C 77 15.86 4.95 -13.25
CA VAL C 77 14.77 5.34 -12.36
C VAL C 77 14.54 6.86 -12.33
N GLU C 78 13.26 7.25 -12.33
CA GLU C 78 12.82 8.65 -12.26
C GLU C 78 12.00 8.82 -11.00
N ALA C 79 11.78 10.08 -10.58
CA ALA C 79 10.93 10.36 -9.41
C ALA C 79 9.49 9.88 -9.64
N GLY C 80 9.03 9.93 -10.89
CA GLY C 80 7.71 9.42 -11.29
C GLY C 80 7.54 7.90 -11.18
N ASP C 81 8.63 7.19 -10.86
CA ASP C 81 8.58 5.74 -10.58
C ASP C 81 8.34 5.41 -9.10
N GLU C 82 8.43 6.43 -8.23
CA GLU C 82 8.11 6.27 -6.78
C GLU C 82 6.67 5.83 -6.60
N ALA C 83 6.50 4.69 -5.96
CA ALA C 83 5.21 4.02 -5.85
C ALA C 83 5.35 2.75 -5.03
N ASP C 84 4.20 2.12 -4.73
CA ASP C 84 4.17 0.77 -4.19
C ASP C 84 4.06 -0.20 -5.36
N TYR C 85 4.78 -1.30 -5.25
CA TYR C 85 4.76 -2.31 -6.30
C TYR C 85 4.30 -3.65 -5.71
N TYR C 86 3.34 -4.28 -6.40
CA TYR C 86 2.74 -5.54 -5.96
C TYR C 86 2.92 -6.61 -7.01
N CYS C 87 3.44 -7.76 -6.60
CA CYS C 87 3.44 -8.94 -7.48
C CYS C 87 2.16 -9.74 -7.23
N GLN C 88 1.75 -10.51 -8.22
CA GLN C 88 0.49 -11.27 -8.18
C GLN C 88 0.62 -12.55 -8.98
N VAL C 89 0.07 -13.65 -8.44
CA VAL C 89 -0.05 -14.90 -9.19
C VAL C 89 -1.45 -15.48 -9.02
N TRP C 90 -1.79 -16.42 -9.91
CA TRP C 90 -2.91 -17.33 -9.71
C TRP C 90 -2.36 -18.63 -9.15
N ASP C 91 -3.10 -19.22 -8.22
CA ASP C 91 -2.71 -20.52 -7.66
C ASP C 91 -3.92 -21.45 -7.71
N THR C 92 -3.66 -22.74 -7.91
CA THR C 92 -4.74 -23.74 -8.00
C THR C 92 -5.28 -24.17 -6.61
N GLY C 93 -4.65 -23.72 -5.52
CA GLY C 93 -5.05 -24.11 -4.14
C GLY C 93 -6.14 -23.25 -3.52
N SER C 94 -6.02 -22.99 -2.21
CA SER C 94 -7.07 -22.34 -1.42
C SER C 94 -7.30 -20.84 -1.68
N ASP C 95 -6.22 -20.10 -1.93
CA ASP C 95 -6.31 -18.68 -2.37
C ASP C 95 -6.03 -18.59 -3.87
N PRO C 96 -7.09 -18.48 -4.70
CA PRO C 96 -6.87 -18.50 -6.15
C PRO C 96 -6.07 -17.32 -6.70
N VAL C 97 -6.09 -16.18 -6.01
CA VAL C 97 -5.31 -14.99 -6.36
C VAL C 97 -4.50 -14.63 -5.14
N VAL C 98 -3.18 -14.48 -5.34
CA VAL C 98 -2.29 -14.10 -4.24
C VAL C 98 -1.59 -12.80 -4.64
N PHE C 99 -1.64 -11.80 -3.76
CA PHE C 99 -0.79 -10.62 -3.89
C PHE C 99 0.40 -10.72 -2.94
N GLY C 100 1.56 -10.23 -3.36
CA GLY C 100 2.68 -9.99 -2.43
C GLY C 100 2.32 -8.83 -1.49
N GLY C 101 3.11 -8.64 -0.43
CA GLY C 101 2.81 -7.60 0.59
C GLY C 101 2.97 -6.17 0.10
N GLY C 102 3.60 -6.01 -1.07
CA GLY C 102 3.92 -4.69 -1.60
C GLY C 102 5.32 -4.22 -1.21
N THR C 103 6.01 -3.58 -2.16
CA THR C 103 7.30 -2.97 -1.92
C THR C 103 7.17 -1.47 -2.23
N LYS C 104 7.55 -0.64 -1.26
CA LYS C 104 7.62 0.80 -1.49
C LYS C 104 8.95 1.12 -2.16
N LEU C 105 8.90 1.70 -3.37
CA LEU C 105 10.11 2.15 -4.04
C LEU C 105 10.35 3.61 -3.74
N THR C 106 11.45 3.89 -3.05
CA THR C 106 11.88 5.26 -2.78
C THR C 106 13.00 5.65 -3.75
N VAL C 107 12.79 6.76 -4.44
CA VAL C 107 13.78 7.33 -5.35
C VAL C 107 14.36 8.55 -4.62
N LEU C 108 15.61 8.40 -4.17
CA LEU C 108 16.25 9.36 -3.27
C LEU C 108 16.65 10.63 -4.02
N GLY C 109 15.78 11.64 -3.97
CA GLY C 109 15.95 12.84 -4.78
C GLY C 109 16.62 14.03 -4.09
N GLN C 110 17.05 13.82 -2.84
CA GLN C 110 17.67 14.86 -2.02
C GLN C 110 18.42 14.19 -0.87
N PRO C 111 19.33 14.92 -0.16
CA PRO C 111 20.10 14.25 0.88
C PRO C 111 19.21 13.84 2.05
N LYS C 112 19.65 12.78 2.73
CA LYS C 112 19.02 12.29 3.95
C LYS C 112 18.98 13.41 4.99
N ALA C 113 17.82 13.56 5.65
CA ALA C 113 17.63 14.58 6.70
C ALA C 113 16.86 13.97 7.87
N ALA C 114 17.47 14.02 9.04
CA ALA C 114 16.89 13.49 10.27
C ALA C 114 15.74 14.37 10.71
N PRO C 115 14.71 13.71 11.37
CA PRO C 115 13.58 14.58 11.75
C PRO C 115 13.72 15.43 13.00
N SER C 116 12.94 16.50 13.03
CA SER C 116 12.85 17.40 14.16
C SER C 116 11.58 16.93 14.85
N VAL C 117 11.60 16.81 16.16
CA VAL C 117 10.42 16.34 16.90
C VAL C 117 9.98 17.37 17.97
N THR C 118 8.68 17.66 18.03
CA THR C 118 8.08 18.38 19.15
C THR C 118 6.90 17.56 19.70
N LEU C 119 6.97 17.28 21.00
CA LEU C 119 5.92 16.58 21.70
C LEU C 119 5.08 17.55 22.54
N PHE C 120 3.83 17.78 22.13
CA PHE C 120 2.91 18.65 22.85
C PHE C 120 2.16 17.89 23.95
N PRO C 121 2.07 18.48 25.16
CA PRO C 121 1.31 17.86 26.24
C PRO C 121 -0.19 18.14 26.04
N PRO C 122 -1.09 17.51 26.83
CA PRO C 122 -2.48 17.96 26.72
C PRO C 122 -2.62 19.43 27.11
N SER C 123 -3.52 20.15 26.44
CA SER C 123 -3.83 21.53 26.83
C SER C 123 -4.66 21.54 28.12
N SER C 124 -4.61 22.67 28.84
CA SER C 124 -5.46 22.91 30.01
C SER C 124 -6.96 22.75 29.67
N GLU C 125 -7.33 23.25 28.49
CA GLU C 125 -8.71 23.17 27.98
C GLU C 125 -9.15 21.71 27.88
N GLU C 126 -8.33 20.85 27.26
CA GLU C 126 -8.70 19.44 27.09
C GLU C 126 -8.78 18.72 28.43
N LEU C 127 -7.84 19.03 29.32
CA LEU C 127 -7.84 18.47 30.67
C LEU C 127 -9.09 18.88 31.48
N GLN C 128 -9.51 20.14 31.34
CA GLN C 128 -10.78 20.60 31.92
C GLN C 128 -11.98 19.84 31.33
N ALA C 129 -11.88 19.45 30.06
CA ALA C 129 -12.88 18.64 29.38
C ALA C 129 -12.73 17.13 29.63
N ASN C 130 -12.04 16.78 30.73
CA ASN C 130 -11.83 15.39 31.19
C ASN C 130 -11.18 14.44 30.14
N LYS C 131 -10.30 15.00 29.30
CA LYS C 131 -9.62 14.22 28.27
C LYS C 131 -8.15 14.63 28.17
N ALA C 132 -7.32 13.73 27.64
CA ALA C 132 -5.91 14.01 27.42
C ALA C 132 -5.45 13.42 26.08
N THR C 133 -4.76 14.23 25.29
CA THR C 133 -4.16 13.78 24.04
C THR C 133 -2.74 14.32 23.96
N LEU C 134 -1.79 13.42 23.74
CA LEU C 134 -0.42 13.81 23.40
C LEU C 134 -0.28 13.88 21.88
N VAL C 135 0.37 14.93 21.41
CA VAL C 135 0.62 15.10 19.98
C VAL C 135 2.12 15.16 19.74
N CYS C 136 2.62 14.19 18.98
CA CYS C 136 3.99 14.16 18.56
C CYS C 136 4.08 14.70 17.14
N LEU C 137 4.74 15.84 16.97
CA LEU C 137 4.94 16.50 15.68
C LEU C 137 6.32 16.18 15.16
N ILE C 138 6.39 15.66 13.93
CA ILE C 138 7.64 15.18 13.33
C ILE C 138 7.83 15.90 12.00
N SER C 139 8.97 16.57 11.81
CA SER C 139 9.10 17.42 10.62
C SER C 139 10.50 17.46 10.02
N ASP C 140 10.59 18.05 8.81
CA ASP C 140 11.83 18.27 8.09
C ASP C 140 12.67 17.01 7.90
N PHE C 141 12.03 15.90 7.54
CA PHE C 141 12.77 14.67 7.31
C PHE C 141 12.71 14.16 5.88
N TYR C 142 13.72 13.40 5.50
CA TYR C 142 13.81 12.76 4.20
C TYR C 142 14.76 11.56 4.29
N PRO C 143 14.39 10.39 3.73
CA PRO C 143 13.12 10.12 3.03
C PRO C 143 11.88 10.05 3.94
N GLY C 144 10.70 10.08 3.33
CA GLY C 144 9.43 10.07 4.04
C GLY C 144 8.93 8.73 4.56
N ALA C 145 9.65 8.17 5.52
CA ALA C 145 9.25 6.94 6.25
C ALA C 145 9.78 7.02 7.68
N VAL C 146 8.89 6.83 8.66
CA VAL C 146 9.28 6.79 10.08
C VAL C 146 8.54 5.69 10.81
N THR C 147 9.10 5.26 11.93
CA THR C 147 8.42 4.41 12.90
C THR C 147 8.29 5.23 14.18
N VAL C 148 7.08 5.27 14.73
CA VAL C 148 6.80 5.94 16.00
C VAL C 148 6.49 4.92 17.09
N ALA C 149 7.11 5.09 18.24
CA ALA C 149 6.85 4.27 19.43
C ALA C 149 6.57 5.23 20.58
N TRP C 150 5.57 4.89 21.39
CA TRP C 150 5.25 5.69 22.57
C TRP C 150 5.64 4.90 23.82
N LYS C 151 6.20 5.62 24.79
CA LYS C 151 6.52 5.06 26.09
C LYS C 151 5.91 5.87 27.24
N ALA C 152 5.54 5.15 28.30
CA ALA C 152 5.16 5.76 29.58
C ALA C 152 5.96 5.08 30.67
N ASP C 153 6.75 5.87 31.41
CA ASP C 153 7.67 5.37 32.46
C ASP C 153 8.47 4.14 32.01
N SER C 154 9.09 4.26 30.83
CA SER C 154 9.88 3.19 30.19
C SER C 154 9.09 1.97 29.63
N SER C 155 7.81 1.85 29.98
CA SER C 155 6.94 0.80 29.43
C SER C 155 6.32 1.24 28.11
N PRO C 156 6.31 0.35 27.08
CA PRO C 156 5.71 0.68 25.79
C PRO C 156 4.19 0.83 25.85
N VAL C 157 3.66 1.81 25.12
CA VAL C 157 2.22 2.06 25.04
C VAL C 157 1.82 1.92 23.57
N LYS C 158 1.04 0.88 23.27
CA LYS C 158 0.64 0.58 21.87
C LYS C 158 -0.84 0.88 21.58
N ALA C 159 -1.67 0.84 22.61
CA ALA C 159 -3.10 1.19 22.49
C ALA C 159 -3.33 2.70 22.50
N GLY C 160 -4.33 3.13 21.74
CA GLY C 160 -4.74 4.52 21.65
C GLY C 160 -3.80 5.37 20.83
N VAL C 161 -3.05 4.73 19.93
CA VAL C 161 -2.04 5.38 19.07
C VAL C 161 -2.56 5.50 17.64
N GLU C 162 -2.46 6.71 17.07
CA GLU C 162 -2.70 6.92 15.65
C GLU C 162 -1.59 7.75 15.08
N THR C 163 -1.10 7.35 13.90
CA THR C 163 0.01 8.02 13.23
C THR C 163 -0.35 8.29 11.76
N THR C 164 -0.06 9.50 11.27
CA THR C 164 -0.34 9.83 9.86
C THR C 164 0.81 9.35 8.98
N THR C 165 0.50 9.07 7.72
CA THR C 165 1.49 8.77 6.70
C THR C 165 2.21 10.08 6.34
N PRO C 166 3.56 10.08 6.28
CA PRO C 166 4.30 11.33 6.06
C PRO C 166 3.82 12.11 4.84
N SER C 167 3.62 13.40 5.05
CA SER C 167 3.15 14.33 4.03
C SER C 167 4.25 15.32 3.67
N LYS C 168 4.32 15.70 2.39
CA LYS C 168 5.34 16.66 1.94
C LYS C 168 5.06 18.09 2.42
N GLN C 169 6.11 18.75 2.87
CA GLN C 169 6.07 20.16 3.27
C GLN C 169 6.42 21.06 2.06
N SER C 170 6.26 22.37 2.25
CA SER C 170 6.61 23.41 1.25
C SER C 170 8.10 23.41 0.89
N ASN C 171 8.94 23.05 1.86
CA ASN C 171 10.39 22.96 1.64
C ASN C 171 10.84 21.63 1.01
N ASN C 172 9.85 20.83 0.58
CA ASN C 172 10.06 19.52 -0.10
C ASN C 172 10.49 18.36 0.82
N LYS C 173 10.67 18.64 2.12
CA LYS C 173 10.92 17.59 3.12
C LYS C 173 9.59 17.06 3.65
N TYR C 174 9.62 15.98 4.42
CA TYR C 174 8.41 15.36 4.93
C TYR C 174 8.10 15.73 6.38
N ALA C 175 6.82 15.66 6.71
CA ALA C 175 6.35 15.83 8.08
C ALA C 175 5.35 14.71 8.39
N ALA C 176 5.23 14.35 9.67
CA ALA C 176 4.21 13.41 10.13
C ALA C 176 3.74 13.81 11.53
N SER C 177 2.62 13.22 11.95
CA SER C 177 2.06 13.44 13.28
C SER C 177 1.67 12.11 13.87
N SER C 178 1.81 11.98 15.19
CA SER C 178 1.31 10.82 15.93
C SER C 178 0.56 11.29 17.19
N TYR C 179 -0.48 10.55 17.56
CA TYR C 179 -1.37 10.87 18.66
C TYR C 179 -1.42 9.74 19.68
N LEU C 180 -1.41 10.10 20.94
CA LEU C 180 -1.65 9.12 21.99
C LEU C 180 -2.80 9.62 22.83
N SER C 181 -3.88 8.85 22.82
CA SER C 181 -5.11 9.12 23.55
C SER C 181 -4.99 8.56 24.97
N LEU C 182 -5.10 9.45 25.95
CA LEU C 182 -5.05 9.07 27.38
C LEU C 182 -6.18 9.73 28.13
N THR C 183 -6.45 9.21 29.34
CA THR C 183 -7.38 9.86 30.23
C THR C 183 -6.57 10.77 31.16
N PRO C 184 -7.21 11.78 31.79
CA PRO C 184 -6.46 12.67 32.70
C PRO C 184 -5.82 11.95 33.88
N GLU C 185 -6.46 10.92 34.42
CA GLU C 185 -5.83 10.14 35.52
C GLU C 185 -4.61 9.30 35.06
N GLN C 186 -4.66 8.75 33.84
CA GLN C 186 -3.49 8.08 33.24
C GLN C 186 -2.31 9.07 33.07
N TRP C 187 -2.60 10.23 32.48
CA TRP C 187 -1.63 11.31 32.27
C TRP C 187 -0.94 11.69 33.58
N LYS C 188 -1.74 12.03 34.59
CA LYS C 188 -1.24 12.49 35.87
C LYS C 188 -0.54 11.43 36.74
N SER C 189 -0.73 10.16 36.40
CA SER C 189 -0.21 9.05 37.22
C SER C 189 1.18 8.52 36.84
N HIS C 190 1.72 9.00 35.72
CA HIS C 190 3.03 8.63 35.23
C HIS C 190 4.02 9.77 35.36
N ARG C 191 5.31 9.46 35.57
CA ARG C 191 6.33 10.49 35.73
C ARG C 191 6.64 11.16 34.38
N SER C 192 6.64 10.36 33.31
CA SER C 192 6.92 10.88 31.98
C SER C 192 6.31 10.03 30.86
N TYR C 193 6.08 10.68 29.73
CA TYR C 193 5.70 10.03 28.49
C TYR C 193 6.71 10.46 27.45
N SER C 194 7.03 9.54 26.53
CA SER C 194 7.99 9.77 25.45
C SER C 194 7.47 9.36 24.08
N CYS C 195 7.77 10.21 23.10
CA CYS C 195 7.57 9.91 21.70
C CYS C 195 8.93 9.59 21.09
N GLN C 196 9.08 8.37 20.59
CA GLN C 196 10.33 7.88 19.99
C GLN C 196 10.15 7.65 18.50
N VAL C 197 10.91 8.39 17.69
CA VAL C 197 10.76 8.42 16.24
C VAL C 197 12.03 7.83 15.62
N THR C 198 11.89 6.67 14.96
CA THR C 198 13.01 6.01 14.28
C THR C 198 12.98 6.37 12.79
N HIS C 199 14.08 6.95 12.30
CA HIS C 199 14.22 7.38 10.90
C HIS C 199 15.55 6.93 10.37
N GLU C 200 15.50 6.03 9.37
CA GLU C 200 16.68 5.43 8.75
C GLU C 200 17.62 4.85 9.81
N GLY C 201 17.07 3.98 10.65
CA GLY C 201 17.81 3.30 11.73
C GLY C 201 18.23 4.13 12.95
N SER C 202 17.99 5.45 12.92
CA SER C 202 18.34 6.34 14.05
C SER C 202 17.11 6.94 14.74
N THR C 203 17.16 6.95 16.07
CA THR C 203 16.03 7.33 16.92
C THR C 203 16.16 8.76 17.45
N VAL C 204 15.08 9.53 17.31
CA VAL C 204 14.94 10.83 17.97
C VAL C 204 13.81 10.69 19.01
N GLU C 205 14.12 10.99 20.26
CA GLU C 205 13.16 10.86 21.35
C GLU C 205 12.89 12.20 22.04
N LYS C 206 11.62 12.47 22.34
CA LYS C 206 11.24 13.61 23.15
C LYS C 206 10.33 13.14 24.29
N THR C 207 10.35 13.89 25.37
CA THR C 207 9.75 13.47 26.64
C THR C 207 9.00 14.61 27.30
N VAL C 208 7.80 14.30 27.79
CA VAL C 208 7.02 15.26 28.58
C VAL C 208 6.76 14.68 29.98
N ALA C 209 6.65 15.57 30.97
CA ALA C 209 6.42 15.18 32.37
C ALA C 209 5.22 15.93 32.88
N PRO C 210 4.16 15.21 33.31
CA PRO C 210 2.90 15.81 33.76
C PRO C 210 3.02 16.89 34.84
N THR C 211 3.91 16.71 35.80
CA THR C 211 4.10 17.73 36.86
C THR C 211 4.63 19.06 36.29
N GLU C 212 5.29 19.00 35.13
CA GLU C 212 5.90 20.18 34.51
C GLU C 212 5.08 20.74 33.34
N CYS C 213 4.24 19.88 32.75
CA CYS C 213 3.65 20.13 31.43
C CYS C 213 2.14 20.34 31.43
#